data_8K76
#
_entry.id   8K76
#
_cell.length_a   62.981
_cell.length_b   80.629
_cell.length_c   108.490
_cell.angle_alpha   90.00
_cell.angle_beta   90.00
_cell.angle_gamma   90.00
#
_symmetry.space_group_name_H-M   'P 21 21 21'
#
loop_
_entity.id
_entity.type
_entity.pdbx_description
1 polymer 'S-adenosylmethionine-dependent methyltransferase'
2 water water
#
_entity_poly.entity_id   1
_entity_poly.type   'polypeptide(L)'
_entity_poly.pdbx_seq_one_letter_code
;MSYQNINASIIDKWKEEDWEWGIKAISYEEYIKALNGNWNVKLTPVKFVPHEWFEDLKGKKLLGLASGGGQQIPVFTALG
AECTVLDYSDKQLANEKMVAEREKYKVNIVKADMTKPLPFEDESFDIIFHPVSNCYIENVELVFKECYRILKKGGILLCG
LSTEINYLVDENEEKIVFSMPFNPLKNKEHREFLEKFDGGYQFSHTLSEQLGGQLKAGFILTNIEDDTNGVGRLHEMNIS
TYIMTRAVK
;
_entity_poly.pdbx_strand_id   A,B
#
# COMPACT_ATOMS: atom_id res chain seq x y z
N MET A 1 -20.44 -13.10 24.53
CA MET A 1 -19.98 -14.20 23.67
C MET A 1 -19.84 -13.75 22.21
N SER A 2 -19.96 -12.43 21.97
CA SER A 2 -19.64 -11.89 20.65
C SER A 2 -18.14 -11.95 20.41
N TYR A 3 -17.76 -11.87 19.13
CA TYR A 3 -16.34 -11.97 18.78
C TYR A 3 -15.52 -10.82 19.34
N GLN A 4 -16.12 -9.63 19.42
CA GLN A 4 -15.42 -8.51 20.05
C GLN A 4 -15.19 -8.78 21.53
N ASN A 5 -16.17 -9.37 22.23
CA ASN A 5 -15.97 -9.69 23.64
C ASN A 5 -14.95 -10.81 23.82
N ILE A 6 -14.93 -11.78 22.89
CA ILE A 6 -13.94 -12.84 22.94
C ILE A 6 -12.54 -12.27 22.79
N ASN A 7 -12.35 -11.39 21.79
CA ASN A 7 -11.04 -10.76 21.62
C ASN A 7 -10.60 -10.00 22.86
N ALA A 8 -11.52 -9.23 23.46
CA ALA A 8 -11.17 -8.45 24.65
C ALA A 8 -10.72 -9.35 25.79
N SER A 9 -11.37 -10.49 25.97
CA SER A 9 -10.97 -11.37 27.07
C SER A 9 -9.64 -12.04 26.79
N ILE A 10 -9.36 -12.35 25.53
CA ILE A 10 -8.04 -12.94 25.18
C ILE A 10 -6.93 -11.92 25.42
N ILE A 11 -7.14 -10.67 25.01
CA ILE A 11 -6.14 -9.60 25.25
C ILE A 11 -5.98 -9.40 26.77
N ASP A 12 -7.07 -9.38 27.51
CA ASP A 12 -7.01 -9.19 28.99
C ASP A 12 -6.18 -10.33 29.58
N LYS A 13 -6.47 -11.55 29.15
CA LYS A 13 -5.75 -12.71 29.74
C LYS A 13 -4.26 -12.49 29.52
N TRP A 14 -3.86 -12.21 28.29
CA TRP A 14 -2.44 -11.93 27.98
C TRP A 14 -1.90 -10.89 28.98
N ALA A 25 2.56 -0.51 30.93
CA ALA A 25 2.38 0.93 30.88
C ALA A 25 3.73 1.63 31.06
N ILE A 26 3.84 2.85 30.52
CA ILE A 26 5.10 3.56 30.60
C ILE A 26 5.46 3.86 32.05
N SER A 27 6.76 3.94 32.31
CA SER A 27 7.28 4.23 33.64
C SER A 27 7.18 5.72 33.93
N TYR A 28 7.32 6.04 35.22
CA TYR A 28 7.43 7.42 35.66
C TYR A 28 8.59 8.16 34.99
N GLU A 29 9.78 7.52 34.92
CA GLU A 29 10.93 8.12 34.24
C GLU A 29 10.62 8.42 32.79
N GLU A 30 9.94 7.48 32.08
CA GLU A 30 9.66 7.72 30.67
C GLU A 30 8.65 8.85 30.49
N TYR A 31 7.66 8.95 31.40
CA TYR A 31 6.74 10.07 31.32
C TYR A 31 7.46 11.39 31.53
N ILE A 32 8.41 11.44 32.47
CA ILE A 32 9.13 12.68 32.72
C ILE A 32 10.04 13.04 31.55
N LYS A 33 10.70 12.05 30.94
CA LYS A 33 11.41 12.30 29.69
C LYS A 33 10.49 12.95 28.64
N ALA A 34 9.24 12.48 28.55
CA ALA A 34 8.32 13.05 27.58
C ALA A 34 7.95 14.49 27.93
N LEU A 35 7.81 14.81 29.23
CA LEU A 35 7.58 16.21 29.59
C LEU A 35 8.72 17.09 29.08
N ASN A 36 9.91 16.52 28.96
CA ASN A 36 11.10 17.24 28.52
C ASN A 36 11.34 17.13 27.02
N GLY A 37 10.37 16.64 26.26
CA GLY A 37 10.53 16.60 24.81
C GLY A 37 11.43 15.50 24.29
N ASN A 38 11.64 14.46 25.09
CA ASN A 38 12.47 13.30 24.75
C ASN A 38 11.51 12.11 24.75
N TRP A 39 11.03 11.73 23.56
CA TRP A 39 9.97 10.72 23.48
C TRP A 39 10.02 10.01 22.14
N ASN A 40 9.33 8.87 22.08
CA ASN A 40 9.10 8.14 20.84
C ASN A 40 7.96 7.16 21.06
N VAL A 41 7.03 7.09 20.11
CA VAL A 41 5.90 6.19 20.18
C VAL A 41 5.85 5.40 18.88
N LYS A 42 5.02 4.35 18.88
CA LYS A 42 4.92 3.46 17.73
C LYS A 42 3.47 3.24 17.30
N LEU A 43 3.26 3.19 15.98
CA LEU A 43 2.00 2.73 15.40
C LEU A 43 2.05 1.25 15.06
N THR A 44 3.23 0.70 14.86
CA THR A 44 3.52 -0.66 14.40
C THR A 44 4.60 -1.26 15.28
N PRO A 45 5.01 -2.52 15.11
CA PRO A 45 5.85 -3.14 16.18
C PRO A 45 7.26 -2.57 16.37
N VAL A 46 7.90 -2.04 15.33
CA VAL A 46 9.34 -1.74 15.37
C VAL A 46 9.64 -0.25 15.32
N LYS A 47 9.17 0.44 14.28
CA LYS A 47 9.61 1.79 13.98
C LYS A 47 8.93 2.83 14.87
N PHE A 48 9.68 3.89 15.18
CA PHE A 48 9.11 5.05 15.85
C PHE A 48 8.45 5.97 14.83
N VAL A 49 7.39 6.64 15.25
CA VAL A 49 6.68 7.56 14.35
C VAL A 49 7.48 8.85 14.23
N PRO A 50 7.79 9.31 13.01
CA PRO A 50 8.45 10.62 12.87
C PRO A 50 7.69 11.72 13.62
N HIS A 51 8.43 12.49 14.42
CA HIS A 51 7.74 13.51 15.24
C HIS A 51 7.00 14.53 14.38
N GLU A 52 7.49 14.81 13.18
CA GLU A 52 6.84 15.82 12.33
C GLU A 52 5.43 15.42 11.91
N TRP A 53 5.12 14.13 11.92
CA TRP A 53 3.80 13.67 11.50
C TRP A 53 2.69 14.21 12.39
N PHE A 54 2.98 14.51 13.67
CA PHE A 54 1.96 14.98 14.61
C PHE A 54 1.73 16.47 14.56
N GLU A 55 2.66 17.20 13.93
CA GLU A 55 2.86 18.63 14.18
C GLU A 55 3.15 18.87 15.68
N ASP A 56 2.71 19.99 16.19
CA ASP A 56 2.94 20.33 17.59
C ASP A 56 1.73 19.84 18.37
N LEU A 57 1.96 18.90 19.28
CA LEU A 57 0.85 18.33 20.06
C LEU A 57 0.32 19.27 21.14
N LYS A 58 1.07 20.29 21.54
CA LYS A 58 0.61 21.14 22.64
C LYS A 58 -0.70 21.81 22.25
N GLY A 59 -1.73 21.61 23.07
CA GLY A 59 -3.03 22.20 22.83
C GLY A 59 -3.94 21.43 21.89
N LYS A 60 -3.46 20.34 21.28
CA LYS A 60 -4.31 19.59 20.35
C LYS A 60 -5.22 18.63 21.13
N LYS A 61 -6.44 18.46 20.63
CA LYS A 61 -7.36 17.44 21.13
C LYS A 61 -7.13 16.17 20.33
N LEU A 62 -6.73 15.09 21.03
CA LEU A 62 -6.29 13.87 20.38
C LEU A 62 -7.13 12.68 20.83
N LEU A 63 -7.47 11.80 19.89
CA LEU A 63 -8.12 10.52 20.16
C LEU A 63 -7.14 9.39 19.89
N GLY A 64 -6.89 8.55 20.91
CA GLY A 64 -6.21 7.29 20.67
C GLY A 64 -7.22 6.21 20.35
N LEU A 65 -7.36 5.84 19.08
CA LEU A 65 -8.40 4.88 18.65
C LEU A 65 -7.84 3.47 18.75
N ALA A 66 -8.33 2.71 19.74
CA ALA A 66 -7.79 1.38 20.06
C ALA A 66 -6.32 1.48 20.40
N SER A 67 -5.98 2.50 21.20
CA SER A 67 -4.59 2.82 21.54
C SER A 67 -4.35 2.71 23.05
N GLY A 68 -5.08 1.84 23.72
CA GLY A 68 -4.92 1.65 25.15
C GLY A 68 -3.63 0.96 25.51
N GLY A 69 -3.43 0.77 26.82
CA GLY A 69 -2.27 0.09 27.35
C GLY A 69 -1.30 0.99 28.06
N GLY A 70 -1.53 2.31 28.02
CA GLY A 70 -0.69 3.24 28.75
C GLY A 70 0.68 3.47 28.15
N GLN A 71 0.82 3.37 26.82
CA GLN A 71 2.10 3.47 26.12
C GLN A 71 2.26 4.72 25.27
N GLN A 72 1.20 5.21 24.63
CA GLN A 72 1.28 6.40 23.81
C GLN A 72 0.51 7.56 24.40
N ILE A 73 -0.69 7.31 24.92
CA ILE A 73 -1.50 8.42 25.49
C ILE A 73 -0.79 9.18 26.59
N PRO A 74 -0.12 8.52 27.54
CA PRO A 74 0.65 9.30 28.54
C PRO A 74 1.70 10.20 27.92
N VAL A 75 2.38 9.74 26.85
CA VAL A 75 3.38 10.59 26.19
C VAL A 75 2.73 11.82 25.58
N PHE A 76 1.62 11.64 24.84
CA PHE A 76 0.96 12.78 24.22
C PHE A 76 0.44 13.76 25.29
N THR A 77 -0.01 13.22 26.43
CA THR A 77 -0.48 14.08 27.51
C THR A 77 0.68 14.90 28.10
N ALA A 78 1.83 14.25 28.28
CA ALA A 78 3.02 14.96 28.76
C ALA A 78 3.39 16.10 27.81
N LEU A 79 3.17 15.91 26.50
CA LEU A 79 3.52 16.93 25.52
C LEU A 79 2.46 18.02 25.39
N GLY A 80 1.36 17.92 26.13
CA GLY A 80 0.37 18.97 26.16
C GLY A 80 -0.89 18.72 25.37
N ALA A 81 -1.06 17.52 24.82
CA ALA A 81 -2.32 17.19 24.16
C ALA A 81 -3.40 16.84 25.17
N GLU A 82 -4.65 17.20 24.84
CA GLU A 82 -5.83 16.85 25.65
C GLU A 82 -6.41 15.58 25.07
N CYS A 83 -6.28 14.47 25.78
CA CYS A 83 -6.41 13.16 25.16
C CYS A 83 -7.68 12.43 25.59
N THR A 84 -8.19 11.65 24.64
CA THR A 84 -9.20 10.64 24.87
C THR A 84 -8.62 9.33 24.37
N VAL A 85 -8.82 8.26 25.12
CA VAL A 85 -8.34 6.93 24.72
C VAL A 85 -9.52 5.98 24.69
N LEU A 86 -9.74 5.33 23.54
CA LEU A 86 -10.81 4.37 23.35
C LEU A 86 -10.22 2.99 23.15
N ASP A 87 -10.76 2.00 23.85
CA ASP A 87 -10.28 0.62 23.69
C ASP A 87 -11.39 -0.27 24.21
N TYR A 88 -11.41 -1.51 23.75
CA TYR A 88 -12.42 -2.46 24.22
C TYR A 88 -11.88 -3.45 25.26
N SER A 89 -10.57 -3.44 25.53
CA SER A 89 -9.99 -4.34 26.53
C SER A 89 -9.94 -3.67 27.90
N ASP A 90 -10.58 -4.30 28.89
CA ASP A 90 -10.58 -3.75 30.24
C ASP A 90 -9.15 -3.54 30.76
N LYS A 91 -8.26 -4.50 30.50
CA LYS A 91 -6.89 -4.43 30.99
C LYS A 91 -6.13 -3.28 30.34
N GLN A 92 -6.37 -3.05 29.05
CA GLN A 92 -5.71 -1.91 28.38
C GLN A 92 -6.17 -0.60 28.99
N LEU A 93 -7.46 -0.48 29.31
CA LEU A 93 -7.98 0.74 29.91
C LEU A 93 -7.51 0.89 31.35
N ALA A 94 -7.32 -0.23 32.07
CA ALA A 94 -6.80 -0.15 33.43
C ALA A 94 -5.40 0.45 33.43
N ASN A 95 -4.56 0.07 32.46
CA ASN A 95 -3.22 0.64 32.35
C ASN A 95 -3.29 2.15 32.17
N GLU A 96 -4.24 2.64 31.37
CA GLU A 96 -4.36 4.09 31.21
C GLU A 96 -4.76 4.74 32.51
N LYS A 97 -5.65 4.09 33.27
CA LYS A 97 -6.10 4.62 34.55
C LYS A 97 -4.95 4.64 35.57
N MET A 98 -4.12 3.59 35.58
CA MET A 98 -3.01 3.54 36.55
C MET A 98 -2.03 4.69 36.31
N VAL A 99 -1.70 4.98 35.05
CA VAL A 99 -0.77 6.06 34.75
C VAL A 99 -1.38 7.42 35.07
N ALA A 100 -2.65 7.65 34.69
CA ALA A 100 -3.29 8.93 34.97
C ALA A 100 -3.33 9.21 36.47
N GLU A 101 -3.59 8.19 37.28
CA GLU A 101 -3.62 8.40 38.73
C GLU A 101 -2.22 8.65 39.29
N ARG A 102 -1.22 7.95 38.76
CA ARG A 102 0.16 8.12 39.22
C ARG A 102 0.68 9.52 38.89
N GLU A 103 0.42 10.02 37.68
CA GLU A 103 0.88 11.34 37.31
C GLU A 103 -0.11 12.44 37.67
N LYS A 104 -1.34 12.08 38.06
CA LYS A 104 -2.43 13.02 38.34
C LYS A 104 -2.69 13.97 37.16
N TYR A 105 -2.88 13.40 35.98
CA TYR A 105 -3.31 14.19 34.83
C TYR A 105 -4.75 13.85 34.45
N LYS A 106 -5.32 14.70 33.59
CA LYS A 106 -6.67 14.50 33.07
C LYS A 106 -6.63 13.78 31.73
N VAL A 107 -7.48 12.75 31.61
CA VAL A 107 -7.64 11.99 30.38
C VAL A 107 -9.05 11.42 30.36
N ASN A 108 -9.64 11.33 29.17
CA ASN A 108 -10.96 10.72 28.99
C ASN A 108 -10.77 9.27 28.54
N ILE A 109 -11.13 8.33 29.40
CA ILE A 109 -10.90 6.90 29.16
C ILE A 109 -12.24 6.25 28.83
N VAL A 110 -12.38 5.73 27.61
CA VAL A 110 -13.68 5.27 27.12
C VAL A 110 -13.56 3.83 26.62
N LYS A 111 -14.28 2.91 27.28
CA LYS A 111 -14.49 1.59 26.72
C LYS A 111 -15.57 1.65 25.64
N ALA A 112 -15.24 1.13 24.45
CA ALA A 112 -16.18 1.15 23.33
C ALA A 112 -15.64 0.21 22.25
N ASP A 113 -16.58 -0.31 21.44
CA ASP A 113 -16.29 -1.22 20.34
C ASP A 113 -16.17 -0.39 19.06
N MET A 114 -14.95 -0.26 18.54
CA MET A 114 -14.74 0.57 17.35
C MET A 114 -15.36 0.02 16.07
N THR A 115 -15.91 -1.20 16.05
CA THR A 115 -16.66 -1.60 14.86
C THR A 115 -17.96 -0.82 14.71
N LYS A 116 -18.48 -0.27 15.79
CA LYS A 116 -19.75 0.46 15.76
C LYS A 116 -19.48 1.96 15.83
N PRO A 117 -20.52 2.80 15.66
CA PRO A 117 -20.30 4.26 15.66
C PRO A 117 -19.55 4.75 16.87
N LEU A 118 -18.70 5.75 16.65
CA LEU A 118 -17.90 6.22 17.79
C LEU A 118 -18.64 7.31 18.54
N PRO A 119 -18.56 7.31 19.87
CA PRO A 119 -19.39 8.19 20.72
C PRO A 119 -18.79 9.59 20.87
N PHE A 120 -18.57 10.24 19.75
CA PHE A 120 -18.02 11.58 19.68
C PHE A 120 -18.77 12.45 18.69
N GLU A 121 -18.73 13.75 18.93
CA GLU A 121 -19.38 14.72 18.08
C GLU A 121 -18.56 14.97 16.82
N ASP A 122 -19.25 15.41 15.76
CA ASP A 122 -18.59 15.71 14.49
C ASP A 122 -17.56 16.81 14.68
N GLU A 123 -16.45 16.74 13.95
CA GLU A 123 -15.39 17.78 14.09
C GLU A 123 -14.90 18.09 15.52
N SER A 124 -14.58 17.08 16.28
CA SER A 124 -14.20 17.20 17.68
C SER A 124 -12.70 17.11 17.93
N PHE A 125 -11.96 16.42 17.09
CA PHE A 125 -10.56 16.13 17.37
C PHE A 125 -9.65 16.77 16.33
N ASP A 126 -8.46 17.18 16.80
CA ASP A 126 -7.42 17.66 15.90
C ASP A 126 -6.61 16.52 15.29
N ILE A 127 -6.47 15.42 16.00
CA ILE A 127 -5.64 14.31 15.53
C ILE A 127 -6.21 13.01 16.11
N ILE A 128 -6.17 11.94 15.30
CA ILE A 128 -6.51 10.58 15.70
C ILE A 128 -5.26 9.72 15.50
N PHE A 129 -4.87 9.02 16.55
CA PHE A 129 -3.76 8.08 16.56
C PHE A 129 -4.33 6.68 16.68
N HIS A 130 -4.09 5.84 15.65
CA HIS A 130 -4.79 4.56 15.48
C HIS A 130 -3.75 3.47 15.21
N PRO A 131 -3.11 2.94 16.24
CA PRO A 131 -2.06 1.92 16.04
C PRO A 131 -2.67 0.59 15.61
N VAL A 132 -1.82 -0.39 15.29
CA VAL A 132 -2.29 -1.70 14.82
C VAL A 132 -3.38 -2.22 15.76
N SER A 133 -4.57 -2.52 15.20
CA SER A 133 -5.73 -2.92 16.00
C SER A 133 -6.86 -3.37 15.10
N ASN A 134 -6.96 -2.81 13.88
CA ASN A 134 -8.12 -3.18 13.07
C ASN A 134 -8.02 -4.59 12.47
N CYS A 135 -6.92 -5.30 12.69
CA CYS A 135 -6.90 -6.75 12.43
C CYS A 135 -7.92 -7.49 13.28
N TYR A 136 -8.42 -6.88 14.36
CA TYR A 136 -9.40 -7.54 15.21
C TYR A 136 -10.84 -7.27 14.78
N ILE A 137 -11.06 -6.58 13.66
CA ILE A 137 -12.42 -6.27 13.23
C ILE A 137 -12.60 -6.61 11.75
N GLU A 138 -13.85 -6.92 11.39
CA GLU A 138 -14.10 -7.45 10.05
C GLU A 138 -14.10 -6.37 8.98
N ASN A 139 -14.80 -5.25 9.23
CA ASN A 139 -15.01 -4.20 8.24
C ASN A 139 -14.31 -2.94 8.74
N VAL A 140 -13.35 -2.45 7.98
CA VAL A 140 -12.60 -1.26 8.36
C VAL A 140 -13.11 0.01 7.68
N GLU A 141 -13.82 -0.11 6.55
CA GLU A 141 -14.26 1.10 5.84
C GLU A 141 -15.16 1.98 6.68
N LEU A 142 -16.04 1.37 7.49
CA LEU A 142 -16.91 2.16 8.37
C LEU A 142 -16.11 2.90 9.44
N VAL A 143 -15.02 2.32 9.94
CA VAL A 143 -14.20 3.01 10.94
C VAL A 143 -13.55 4.24 10.34
N PHE A 144 -13.03 4.12 9.13
CA PHE A 144 -12.41 5.30 8.50
C PHE A 144 -13.42 6.41 8.27
N LYS A 145 -14.66 6.06 7.90
CA LYS A 145 -15.70 7.07 7.75
C LYS A 145 -15.99 7.77 9.07
N GLU A 146 -16.02 7.02 10.18
CA GLU A 146 -16.21 7.62 11.50
C GLU A 146 -15.03 8.52 11.86
N CYS A 147 -13.80 8.08 11.54
CA CYS A 147 -12.63 8.92 11.77
C CYS A 147 -12.76 10.25 11.02
N TYR A 148 -13.20 10.20 9.77
CA TYR A 148 -13.36 11.42 8.98
C TYR A 148 -14.41 12.33 9.60
N ARG A 149 -15.52 11.74 10.08
CA ARG A 149 -16.60 12.54 10.67
C ARG A 149 -16.15 13.32 11.90
N ILE A 150 -15.37 12.66 12.78
CA ILE A 150 -15.03 13.24 14.08
C ILE A 150 -13.77 14.10 14.07
N LEU A 151 -13.01 14.09 12.98
CA LEU A 151 -11.85 14.97 12.85
C LEU A 151 -12.28 16.35 12.37
N LYS A 152 -11.59 17.37 12.85
CA LYS A 152 -11.79 18.72 12.34
C LYS A 152 -11.22 18.81 10.92
N LYS A 153 -11.74 19.76 10.13
CA LYS A 153 -11.10 20.08 8.86
C LYS A 153 -9.65 20.46 9.11
N GLY A 154 -8.74 19.89 8.31
CA GLY A 154 -7.33 20.11 8.51
C GLY A 154 -6.69 19.20 9.53
N GLY A 155 -7.46 18.31 10.15
CA GLY A 155 -6.93 17.38 11.11
C GLY A 155 -6.16 16.20 10.50
N ILE A 156 -5.53 15.43 11.37
CA ILE A 156 -4.56 14.40 10.98
C ILE A 156 -5.03 13.04 11.48
N LEU A 157 -4.95 12.01 10.62
CA LEU A 157 -5.15 10.62 11.00
C LEU A 157 -3.84 9.86 10.79
N LEU A 158 -3.34 9.26 11.86
CA LEU A 158 -2.15 8.41 11.81
C LEU A 158 -2.55 6.98 12.11
N CYS A 159 -2.13 6.03 11.26
CA CYS A 159 -2.54 4.64 11.40
C CYS A 159 -1.37 3.66 11.33
N GLY A 160 -1.51 2.57 12.09
CA GLY A 160 -0.76 1.34 11.87
C GLY A 160 -1.71 0.26 11.39
N LEU A 161 -1.38 -0.34 10.24
CA LEU A 161 -2.33 -1.18 9.50
C LEU A 161 -1.74 -2.53 9.13
N SER A 162 -2.47 -3.59 9.45
CA SER A 162 -2.10 -4.96 9.10
C SER A 162 -2.47 -5.26 7.64
N THR A 163 -1.87 -6.33 7.10
CA THR A 163 -2.08 -6.67 5.69
C THR A 163 -2.56 -8.12 5.54
N GLU A 164 -2.16 -8.81 4.47
CA GLU A 164 -2.54 -10.22 4.33
C GLU A 164 -1.42 -11.19 4.73
N ILE A 165 -0.15 -10.78 4.61
CA ILE A 165 0.97 -11.73 4.72
C ILE A 165 0.91 -12.55 6.03
N ASN A 166 0.66 -11.88 7.17
CA ASN A 166 0.68 -12.61 8.43
C ASN A 166 -0.41 -13.67 8.51
N TYR A 167 -1.46 -13.55 7.71
CA TYR A 167 -2.58 -14.47 7.69
C TYR A 167 -2.47 -15.51 6.60
N LEU A 168 -1.42 -15.45 5.77
CA LEU A 168 -1.19 -16.47 4.76
C LEU A 168 -0.54 -17.72 5.32
N VAL A 169 0.22 -17.59 6.40
CA VAL A 169 1.24 -18.58 6.73
C VAL A 169 0.78 -19.54 7.80
N ASP A 170 1.47 -20.69 7.85
CA ASP A 170 1.26 -21.69 8.89
C ASP A 170 1.81 -21.23 10.24
N GLU A 171 1.74 -22.14 11.22
CA GLU A 171 2.12 -21.82 12.58
C GLU A 171 3.59 -21.50 12.73
N ASN A 172 4.44 -21.99 11.81
CA ASN A 172 5.88 -21.73 11.86
C ASN A 172 6.30 -20.55 11.01
N GLU A 173 5.36 -19.83 10.40
CA GLU A 173 5.67 -18.72 9.49
C GLU A 173 6.57 -19.19 8.34
N GLU A 174 6.31 -20.42 7.88
CA GLU A 174 7.09 -21.02 6.79
C GLU A 174 6.31 -21.11 5.49
N LYS A 175 5.21 -21.85 5.45
CA LYS A 175 4.50 -22.08 4.20
C LYS A 175 3.23 -21.24 4.12
N ILE A 176 2.93 -20.80 2.90
CA ILE A 176 1.69 -20.11 2.57
C ILE A 176 0.61 -21.18 2.40
N VAL A 177 -0.33 -21.22 3.33
CA VAL A 177 -1.33 -22.29 3.38
C VAL A 177 -2.78 -21.82 3.34
N PHE A 178 -3.07 -20.54 3.57
CA PHE A 178 -4.45 -20.08 3.64
C PHE A 178 -4.82 -19.23 2.43
N SER A 179 -6.03 -19.41 1.93
CA SER A 179 -6.53 -18.66 0.81
C SER A 179 -7.28 -17.46 1.37
N MET A 180 -7.22 -16.35 0.69
CA MET A 180 -7.81 -15.11 1.15
C MET A 180 -9.20 -14.80 0.67
N PRO A 181 -10.03 -14.00 1.42
CA PRO A 181 -9.56 -13.52 2.74
C PRO A 181 -9.53 -14.45 3.93
N PHE A 182 -8.66 -14.19 4.88
CA PHE A 182 -8.67 -14.92 6.15
C PHE A 182 -9.79 -14.33 6.99
N ASN A 183 -10.83 -15.13 7.26
CA ASN A 183 -12.03 -14.65 7.95
C ASN A 183 -12.58 -15.77 8.83
N PRO A 184 -12.31 -15.72 10.14
CA PRO A 184 -12.79 -16.78 11.04
C PRO A 184 -14.29 -16.73 11.33
N LEU A 185 -14.99 -15.65 10.95
CA LEU A 185 -16.44 -15.68 11.05
C LEU A 185 -17.05 -16.54 9.96
N LYS A 186 -16.45 -16.54 8.77
CA LYS A 186 -17.00 -17.20 7.59
C LYS A 186 -16.44 -18.59 7.33
N ASN A 187 -15.22 -18.89 7.83
CA ASN A 187 -14.52 -20.11 7.46
C ASN A 187 -14.10 -20.85 8.72
N LYS A 188 -14.66 -22.04 8.93
CA LYS A 188 -14.33 -22.82 10.12
C LYS A 188 -12.85 -23.12 10.19
N GLU A 189 -12.20 -23.40 9.05
CA GLU A 189 -10.78 -23.72 9.05
C GLU A 189 -9.94 -22.57 9.60
N HIS A 190 -10.34 -21.33 9.29
CA HIS A 190 -9.65 -20.16 9.82
C HIS A 190 -9.90 -19.98 11.31
N ARG A 191 -11.14 -20.17 11.75
CA ARG A 191 -11.46 -20.08 13.17
C ARG A 191 -10.72 -21.17 13.96
N GLU A 192 -10.66 -22.38 13.41
CA GLU A 192 -9.95 -23.47 14.09
C GLU A 192 -8.46 -23.16 14.24
N PHE A 193 -7.84 -22.58 13.20
CA PHE A 193 -6.42 -22.26 13.27
C PHE A 193 -6.15 -21.29 14.41
N LEU A 194 -6.96 -20.23 14.52
CA LEU A 194 -6.76 -19.27 15.59
C LEU A 194 -7.04 -19.88 16.97
N GLU A 195 -8.07 -20.74 17.06
CA GLU A 195 -8.43 -21.33 18.34
C GLU A 195 -7.36 -22.26 18.86
N LYS A 196 -6.39 -22.64 18.02
CA LYS A 196 -5.24 -23.42 18.46
C LYS A 196 -4.16 -22.55 19.10
N PHE A 197 -4.16 -21.25 18.83
CA PHE A 197 -3.16 -20.35 19.37
C PHE A 197 -3.73 -19.32 20.35
N ASP A 198 -4.98 -19.49 20.78
CA ASP A 198 -5.68 -18.47 21.55
C ASP A 198 -5.59 -17.11 20.86
N GLY A 199 -5.77 -17.11 19.55
CA GLY A 199 -5.63 -15.90 18.74
C GLY A 199 -6.91 -15.13 18.55
N GLY A 200 -8.05 -15.74 18.88
CA GLY A 200 -9.31 -15.02 18.87
C GLY A 200 -9.91 -14.93 17.48
N TYR A 201 -10.36 -13.74 17.12
CA TYR A 201 -10.91 -13.47 15.80
C TYR A 201 -10.08 -12.36 15.18
N GLN A 202 -9.23 -12.72 14.22
CA GLN A 202 -8.42 -11.77 13.48
C GLN A 202 -8.71 -11.94 11.99
N PHE A 203 -8.51 -10.86 11.23
CA PHE A 203 -8.93 -10.76 9.84
C PHE A 203 -7.82 -10.18 8.98
N SER A 204 -7.61 -10.78 7.81
CA SER A 204 -6.77 -10.16 6.80
C SER A 204 -7.47 -8.95 6.20
N HIS A 205 -6.69 -7.99 5.75
CA HIS A 205 -7.24 -6.81 5.06
C HIS A 205 -6.36 -6.45 3.86
N THR A 206 -6.99 -6.02 2.77
CA THR A 206 -6.32 -5.68 1.52
C THR A 206 -5.92 -4.21 1.52
N LEU A 207 -5.15 -3.82 0.49
CA LEU A 207 -4.80 -2.42 0.33
C LEU A 207 -6.02 -1.60 -0.04
N SER A 208 -6.96 -2.18 -0.81
CA SER A 208 -8.22 -1.49 -1.08
C SER A 208 -8.93 -1.13 0.22
N GLU A 209 -8.87 -2.01 1.20
CA GLU A 209 -9.50 -1.74 2.50
C GLU A 209 -8.71 -0.73 3.32
N GLN A 210 -7.41 -1.01 3.53
CA GLN A 210 -6.63 -0.25 4.49
C GLN A 210 -6.24 1.13 3.97
N LEU A 211 -5.97 1.25 2.66
CA LEU A 211 -5.63 2.53 2.07
C LEU A 211 -6.77 3.10 1.25
N GLY A 212 -7.38 2.29 0.37
CA GLY A 212 -8.55 2.77 -0.35
C GLY A 212 -9.69 3.16 0.56
N GLY A 213 -9.80 2.53 1.74
CA GLY A 213 -10.84 2.91 2.69
C GLY A 213 -10.66 4.31 3.23
N GLN A 214 -9.40 4.75 3.35
CA GLN A 214 -9.16 6.12 3.77
C GLN A 214 -9.52 7.10 2.65
N LEU A 215 -9.14 6.78 1.42
CA LEU A 215 -9.49 7.64 0.28
C LEU A 215 -11.01 7.77 0.12
N LYS A 216 -11.73 6.65 0.22
CA LYS A 216 -13.18 6.68 0.04
C LYS A 216 -13.88 7.49 1.11
N ALA A 217 -13.28 7.60 2.31
CA ALA A 217 -13.84 8.44 3.37
C ALA A 217 -13.59 9.92 3.14
N GLY A 218 -12.61 10.27 2.30
CA GLY A 218 -12.29 11.66 2.00
C GLY A 218 -10.90 12.08 2.40
N PHE A 219 -10.12 11.20 3.02
CA PHE A 219 -8.78 11.54 3.45
C PHE A 219 -7.84 11.72 2.26
N ILE A 220 -6.85 12.60 2.44
CA ILE A 220 -5.74 12.76 1.52
C ILE A 220 -4.52 12.12 2.18
N LEU A 221 -4.00 11.07 1.57
CA LEU A 221 -2.80 10.43 2.09
C LEU A 221 -1.59 11.33 1.89
N THR A 222 -0.77 11.47 2.94
CA THR A 222 0.46 12.25 2.83
C THR A 222 1.73 11.45 3.03
N ASN A 223 1.69 10.34 3.77
CA ASN A 223 2.89 9.55 4.04
C ASN A 223 2.50 8.08 4.14
N ILE A 224 3.34 7.20 3.54
CA ILE A 224 3.16 5.75 3.60
C ILE A 224 4.53 5.14 3.85
N GLU A 225 4.66 4.36 4.92
CA GLU A 225 5.88 3.61 5.24
C GLU A 225 5.52 2.16 5.59
N ASP A 226 6.54 1.28 5.65
CA ASP A 226 6.33 -0.14 5.94
C ASP A 226 6.96 -0.48 7.28
N ASP A 227 6.53 -1.61 7.86
CA ASP A 227 7.20 -2.10 9.06
C ASP A 227 7.08 -3.62 9.10
N THR A 228 7.81 -4.22 10.04
CA THR A 228 7.84 -5.68 10.22
C THR A 228 7.27 -6.08 11.58
N ASN A 229 7.33 -7.38 11.87
CA ASN A 229 6.64 -7.91 13.05
C ASN A 229 7.37 -7.69 14.37
N GLY A 230 8.68 -7.44 14.35
CA GLY A 230 9.43 -7.24 15.57
C GLY A 230 10.01 -8.52 16.16
N VAL A 231 9.42 -9.68 15.86
CA VAL A 231 9.94 -10.95 16.33
C VAL A 231 9.40 -12.03 15.41
N GLY A 232 10.07 -13.18 15.38
CA GLY A 232 9.61 -14.29 14.57
C GLY A 232 10.29 -14.33 13.21
N ARG A 233 9.94 -15.39 12.47
CA ARG A 233 10.66 -15.72 11.23
C ARG A 233 10.49 -14.64 10.16
N LEU A 234 9.25 -14.16 9.95
CA LEU A 234 9.06 -13.14 8.92
C LEU A 234 9.82 -11.86 9.26
N HIS A 235 9.87 -11.50 10.55
CA HIS A 235 10.66 -10.33 10.94
C HIS A 235 12.14 -10.56 10.67
N GLU A 236 12.66 -11.75 11.01
CA GLU A 236 14.08 -12.01 10.81
C GLU A 236 14.44 -11.93 9.34
N MET A 237 13.48 -12.22 8.46
CA MET A 237 13.64 -12.16 7.01
C MET A 237 13.31 -10.77 6.47
N ASN A 238 13.01 -9.81 7.36
CA ASN A 238 12.79 -8.42 6.99
C ASN A 238 11.59 -8.24 6.06
N ILE A 239 10.56 -9.06 6.21
CA ILE A 239 9.40 -9.00 5.34
C ILE A 239 8.41 -7.98 5.88
N SER A 240 7.98 -7.06 5.01
CA SER A 240 7.09 -5.99 5.47
C SER A 240 5.65 -6.50 5.61
N THR A 241 5.11 -6.42 6.83
CA THR A 241 3.82 -6.97 7.19
C THR A 241 2.87 -5.93 7.73
N TYR A 242 3.30 -4.66 7.82
CA TYR A 242 2.48 -3.56 8.36
C TYR A 242 2.73 -2.30 7.55
N ILE A 243 1.71 -1.45 7.51
CA ILE A 243 1.79 -0.12 6.91
C ILE A 243 1.71 0.93 8.02
N MET A 244 2.48 2.00 7.89
CA MET A 244 2.33 3.21 8.72
C MET A 244 1.82 4.29 7.79
N THR A 245 0.77 5.00 8.16
CA THR A 245 0.21 6.02 7.28
C THR A 245 -0.09 7.33 8.02
N ARG A 246 0.01 8.42 7.28
CA ARG A 246 -0.50 9.71 7.69
C ARG A 246 -1.44 10.22 6.59
N ALA A 247 -2.58 10.76 7.01
CA ALA A 247 -3.55 11.35 6.10
C ALA A 247 -4.12 12.59 6.77
N VAL A 248 -4.66 13.49 5.93
CA VAL A 248 -5.24 14.75 6.39
C VAL A 248 -6.65 14.89 5.87
N LYS A 249 -7.49 15.58 6.65
CA LYS A 249 -8.85 15.86 6.23
C LYS A 249 -8.89 17.24 5.61
N MET B 1 28.04 -4.95 -19.66
CA MET B 1 26.64 -4.70 -19.92
C MET B 1 25.93 -4.23 -18.65
N SER B 2 25.12 -3.20 -18.80
CA SER B 2 24.31 -2.72 -17.69
C SER B 2 23.18 -3.71 -17.40
N TYR B 3 22.70 -3.73 -16.15
CA TYR B 3 21.63 -4.66 -15.84
C TYR B 3 20.37 -4.32 -16.64
N GLN B 4 20.18 -3.04 -16.97
CA GLN B 4 19.01 -2.67 -17.76
C GLN B 4 19.13 -3.20 -19.19
N ASN B 5 20.34 -3.18 -19.74
CA ASN B 5 20.54 -3.76 -21.07
C ASN B 5 20.42 -5.27 -21.05
N ILE B 6 20.82 -5.93 -19.95
CA ILE B 6 20.61 -7.37 -19.84
C ILE B 6 19.12 -7.70 -19.84
N ASN B 7 18.35 -6.95 -19.05
CA ASN B 7 16.90 -7.15 -19.00
C ASN B 7 16.26 -6.98 -20.37
N ALA B 8 16.66 -5.93 -21.09
CA ALA B 8 16.08 -5.71 -22.41
C ALA B 8 16.36 -6.88 -23.34
N SER B 9 17.59 -7.38 -23.33
CA SER B 9 17.94 -8.50 -24.21
C SER B 9 17.19 -9.77 -23.84
N ILE B 10 16.90 -9.97 -22.55
CA ILE B 10 16.10 -11.14 -22.15
C ILE B 10 14.66 -10.97 -22.63
N ILE B 11 14.09 -9.77 -22.46
CA ILE B 11 12.75 -9.50 -22.96
C ILE B 11 12.70 -9.68 -24.47
N ASP B 12 13.73 -9.22 -25.17
CA ASP B 12 13.77 -9.35 -26.65
C ASP B 12 13.79 -10.83 -27.07
N LYS B 13 14.51 -11.67 -26.33
CA LYS B 13 14.57 -13.12 -26.65
C LYS B 13 13.15 -13.68 -26.64
N TRP B 14 12.38 -13.43 -25.59
CA TRP B 14 10.93 -13.82 -25.61
C TRP B 14 10.24 -13.01 -26.70
N ALA B 25 0.96 -8.63 -29.71
CA ALA B 25 0.45 -7.30 -30.13
C ALA B 25 -1.07 -7.38 -30.38
N ILE B 26 -1.76 -6.25 -30.22
CA ILE B 26 -3.24 -6.23 -30.38
C ILE B 26 -3.61 -6.73 -31.79
N SER B 27 -4.62 -7.58 -31.82
CA SER B 27 -5.12 -8.09 -33.12
C SER B 27 -5.83 -6.97 -33.87
N TYR B 28 -5.95 -7.15 -35.16
CA TYR B 28 -6.69 -6.17 -35.94
C TYR B 28 -8.15 -6.12 -35.52
N GLU B 29 -8.74 -7.27 -35.20
CA GLU B 29 -10.12 -7.32 -34.74
C GLU B 29 -10.30 -6.51 -33.46
N GLU B 30 -9.32 -6.57 -32.55
CA GLU B 30 -9.47 -5.86 -31.29
C GLU B 30 -9.33 -4.35 -31.48
N TYR B 31 -8.45 -3.93 -32.39
CA TYR B 31 -8.35 -2.52 -32.74
C TYR B 31 -9.67 -2.02 -33.33
N ILE B 32 -10.26 -2.83 -34.21
CA ILE B 32 -11.57 -2.49 -34.80
C ILE B 32 -12.62 -2.30 -33.70
N LYS B 33 -12.68 -3.22 -32.73
CA LYS B 33 -13.61 -3.08 -31.62
C LYS B 33 -13.41 -1.75 -30.89
N ALA B 34 -12.14 -1.38 -30.65
CA ALA B 34 -11.87 -0.12 -29.95
C ALA B 34 -12.43 1.08 -30.72
N LEU B 35 -12.25 1.09 -32.05
CA LEU B 35 -12.82 2.15 -32.86
C LEU B 35 -14.35 2.19 -32.77
N ASN B 36 -14.98 1.03 -32.51
CA ASN B 36 -16.42 0.93 -32.34
C ASN B 36 -16.87 1.18 -30.91
N GLY B 37 -15.97 1.59 -30.00
CA GLY B 37 -16.34 1.89 -28.64
C GLY B 37 -16.26 0.74 -27.65
N ASN B 38 -15.71 -0.41 -28.06
CA ASN B 38 -15.63 -1.59 -27.21
C ASN B 38 -14.16 -1.86 -26.88
N TRP B 39 -13.77 -1.59 -25.63
CA TRP B 39 -12.34 -1.64 -25.31
C TRP B 39 -12.13 -1.91 -23.83
N ASN B 40 -10.95 -2.46 -23.53
CA ASN B 40 -10.52 -2.66 -22.14
C ASN B 40 -9.02 -2.92 -22.12
N VAL B 41 -8.30 -2.25 -21.21
CA VAL B 41 -6.86 -2.42 -21.09
C VAL B 41 -6.55 -2.78 -19.64
N LYS B 42 -5.29 -3.22 -19.41
CA LYS B 42 -4.86 -3.72 -18.11
C LYS B 42 -3.59 -3.02 -17.67
N LEU B 43 -3.51 -2.71 -16.37
CA LEU B 43 -2.26 -2.33 -15.72
C LEU B 43 -1.60 -3.51 -15.02
N THR B 44 -2.39 -4.53 -14.64
CA THR B 44 -1.99 -5.67 -13.82
C THR B 44 -2.57 -6.92 -14.47
N PRO B 45 -2.32 -8.14 -13.98
CA PRO B 45 -2.60 -9.32 -14.82
C PRO B 45 -4.07 -9.65 -15.08
N VAL B 46 -5.02 -9.27 -14.21
CA VAL B 46 -6.39 -9.76 -14.31
C VAL B 46 -7.38 -8.65 -14.61
N LYS B 47 -7.40 -7.62 -13.78
CA LYS B 47 -8.45 -6.61 -13.84
C LYS B 47 -8.27 -5.63 -15.00
N PHE B 48 -9.39 -5.19 -15.55
CA PHE B 48 -9.38 -4.09 -16.50
C PHE B 48 -9.45 -2.76 -15.77
N VAL B 49 -8.82 -1.75 -16.35
CA VAL B 49 -8.80 -0.43 -15.73
C VAL B 49 -10.18 0.22 -15.90
N PRO B 50 -10.81 0.72 -14.84
CA PRO B 50 -12.11 1.38 -15.02
C PRO B 50 -11.97 2.54 -16.00
N HIS B 51 -12.91 2.63 -16.95
CA HIS B 51 -12.77 3.64 -18.00
C HIS B 51 -12.75 5.04 -17.44
N GLU B 52 -13.43 5.26 -16.30
CA GLU B 52 -13.51 6.61 -15.74
C GLU B 52 -12.15 7.12 -15.28
N TRP B 53 -11.20 6.23 -15.02
CA TRP B 53 -9.88 6.67 -14.49
C TRP B 53 -9.14 7.52 -15.53
N PHE B 54 -9.44 7.33 -16.81
CA PHE B 54 -8.69 8.03 -17.88
C PHE B 54 -9.32 9.37 -18.25
N GLU B 55 -10.59 9.56 -17.92
CA GLU B 55 -11.35 10.74 -18.41
C GLU B 55 -11.53 10.60 -19.93
N ASP B 56 -11.77 11.71 -20.62
CA ASP B 56 -11.93 11.67 -22.09
C ASP B 56 -10.55 11.73 -22.74
N LEU B 57 -10.19 10.71 -23.54
CA LEU B 57 -8.81 10.65 -24.11
C LEU B 57 -8.70 11.37 -25.46
N LYS B 58 -9.84 11.72 -26.07
CA LYS B 58 -9.80 12.36 -27.38
C LYS B 58 -8.98 13.65 -27.30
N GLY B 59 -7.83 13.68 -27.98
CA GLY B 59 -6.97 14.83 -28.01
C GLY B 59 -5.97 14.94 -26.87
N LYS B 60 -6.05 14.01 -25.94
CA LYS B 60 -5.13 14.07 -24.79
C LYS B 60 -3.77 13.53 -25.20
N LYS B 61 -2.69 14.15 -24.73
CA LYS B 61 -1.33 13.61 -24.97
C LYS B 61 -1.04 12.54 -23.91
N LEU B 62 -0.69 11.34 -24.37
CA LEU B 62 -0.52 10.21 -23.44
C LEU B 62 0.87 9.59 -23.56
N LEU B 63 1.48 9.28 -22.42
CA LEU B 63 2.78 8.57 -22.44
C LEU B 63 2.60 7.17 -21.89
N GLY B 64 2.98 6.19 -22.68
CA GLY B 64 3.02 4.80 -22.20
C GLY B 64 4.40 4.57 -21.66
N LEU B 65 4.55 4.61 -20.34
CA LEU B 65 5.87 4.46 -19.68
C LEU B 65 6.14 2.97 -19.47
N ALA B 66 7.06 2.40 -20.25
CA ALA B 66 7.36 0.95 -20.21
C ALA B 66 6.08 0.20 -20.56
N SER B 67 5.35 0.70 -21.54
CA SER B 67 4.05 0.10 -21.91
C SER B 67 4.06 -0.34 -23.38
N GLY B 68 5.20 -0.85 -23.87
CA GLY B 68 5.31 -1.22 -25.29
C GLY B 68 4.68 -2.56 -25.60
N GLY B 69 4.98 -3.09 -26.78
CA GLY B 69 4.43 -4.39 -27.19
C GLY B 69 3.22 -4.29 -28.10
N GLY B 70 2.71 -3.08 -28.34
CA GLY B 70 1.50 -2.90 -29.17
C GLY B 70 0.27 -3.46 -28.48
N GLN B 71 0.13 -3.20 -27.19
CA GLN B 71 -1.00 -3.74 -26.42
C GLN B 71 -1.99 -2.62 -26.08
N GLN B 72 -1.58 -1.65 -25.30
CA GLN B 72 -2.52 -0.60 -24.83
C GLN B 72 -2.51 0.63 -25.75
N ILE B 73 -1.33 1.03 -26.22
CA ILE B 73 -1.21 2.28 -27.03
C ILE B 73 -2.09 2.24 -28.29
N PRO B 74 -2.21 1.12 -29.04
CA PRO B 74 -3.12 1.09 -30.18
C PRO B 74 -4.55 1.41 -29.75
N VAL B 75 -4.93 0.97 -28.55
CA VAL B 75 -6.33 1.21 -28.06
C VAL B 75 -6.48 2.70 -27.76
N PHE B 76 -5.54 3.28 -27.04
CA PHE B 76 -5.59 4.72 -26.71
C PHE B 76 -5.60 5.56 -28.00
N THR B 77 -4.87 5.08 -29.02
CA THR B 77 -4.81 5.82 -30.30
C THR B 77 -6.17 5.74 -30.98
N ALA B 78 -6.79 4.57 -30.96
CA ALA B 78 -8.13 4.42 -31.56
C ALA B 78 -9.15 5.32 -30.86
N LEU B 79 -8.94 5.60 -29.58
CA LEU B 79 -9.88 6.45 -28.80
C LEU B 79 -9.55 7.93 -29.00
N GLY B 80 -8.50 8.26 -29.73
CA GLY B 80 -8.24 9.67 -30.03
C GLY B 80 -7.06 10.31 -29.29
N ALA B 81 -6.34 9.53 -28.49
CA ALA B 81 -5.18 10.09 -27.78
C ALA B 81 -3.95 10.18 -28.67
N GLU B 82 -3.16 11.24 -28.51
CA GLU B 82 -1.87 11.40 -29.24
C GLU B 82 -0.83 10.71 -28.37
N CYS B 83 -0.33 9.58 -28.81
CA CYS B 83 0.48 8.75 -27.89
C CYS B 83 1.99 8.72 -28.13
N THR B 84 2.72 8.67 -27.03
CA THR B 84 4.18 8.46 -27.06
C THR B 84 4.39 7.15 -26.27
N VAL B 85 5.28 6.30 -26.76
CA VAL B 85 5.61 5.02 -26.06
C VAL B 85 7.10 4.99 -25.77
N LEU B 86 7.46 4.73 -24.51
CA LEU B 86 8.87 4.68 -24.08
C LEU B 86 9.13 3.25 -23.59
N ASP B 87 10.19 2.64 -24.09
CA ASP B 87 10.58 1.28 -23.65
C ASP B 87 12.06 1.12 -23.95
N TYR B 88 12.69 0.12 -23.34
CA TYR B 88 14.14 -0.11 -23.55
C TYR B 88 14.33 -1.41 -24.34
N SER B 89 13.24 -2.15 -24.56
CA SER B 89 13.30 -3.38 -25.38
C SER B 89 13.04 -3.05 -26.86
N ASP B 90 13.99 -3.37 -27.71
CA ASP B 90 13.85 -3.11 -29.17
C ASP B 90 12.63 -3.87 -29.72
N LYS B 91 12.39 -5.09 -29.24
CA LYS B 91 11.27 -5.91 -29.75
C LYS B 91 9.93 -5.32 -29.30
N GLN B 92 9.85 -4.82 -28.07
CA GLN B 92 8.59 -4.15 -27.63
C GLN B 92 8.33 -2.94 -28.53
N LEU B 93 9.38 -2.23 -28.88
CA LEU B 93 9.22 -1.02 -29.71
C LEU B 93 8.86 -1.41 -31.15
N ALA B 94 9.47 -2.49 -31.64
CA ALA B 94 9.16 -2.96 -33.00
C ALA B 94 7.68 -3.36 -33.11
N ASN B 95 7.14 -3.95 -32.05
CA ASN B 95 5.72 -4.38 -32.07
C ASN B 95 4.84 -3.14 -32.15
N GLU B 96 5.22 -2.06 -31.47
CA GLU B 96 4.44 -0.81 -31.53
C GLU B 96 4.45 -0.28 -32.97
N LYS B 97 5.62 -0.31 -33.61
CA LYS B 97 5.73 0.24 -34.98
C LYS B 97 4.92 -0.66 -35.93
N MET B 98 4.99 -1.96 -35.74
CA MET B 98 4.26 -2.92 -36.62
C MET B 98 2.76 -2.61 -36.57
N VAL B 99 2.23 -2.36 -35.37
CA VAL B 99 0.76 -2.13 -35.29
C VAL B 99 0.44 -0.74 -35.84
N ALA B 100 1.29 0.25 -35.60
CA ALA B 100 1.07 1.61 -36.15
C ALA B 100 1.03 1.56 -37.67
N GLU B 101 1.90 0.75 -38.27
CA GLU B 101 1.94 0.60 -39.75
C GLU B 101 0.68 -0.12 -40.23
N ARG B 102 0.29 -1.19 -39.56
CA ARG B 102 -0.89 -1.99 -39.98
C ARG B 102 -2.16 -1.13 -39.95
N GLU B 103 -2.28 -0.21 -38.99
CA GLU B 103 -3.54 0.57 -38.84
C GLU B 103 -3.35 2.01 -39.34
N LYS B 104 -2.19 2.34 -39.91
CA LYS B 104 -1.96 3.68 -40.50
C LYS B 104 -2.25 4.77 -39.46
N TYR B 105 -1.53 4.72 -38.34
CA TYR B 105 -1.66 5.80 -37.33
C TYR B 105 -0.26 6.28 -36.94
N LYS B 106 -0.20 7.47 -36.36
CA LYS B 106 1.09 8.08 -35.93
C LYS B 106 1.32 7.80 -34.43
N VAL B 107 2.56 7.48 -34.09
CA VAL B 107 2.93 7.24 -32.66
C VAL B 107 4.39 7.67 -32.49
N ASN B 108 4.71 8.33 -31.37
CA ASN B 108 6.10 8.73 -31.06
C ASN B 108 6.75 7.61 -30.28
N ILE B 109 7.61 6.82 -30.92
CA ILE B 109 8.31 5.69 -30.26
C ILE B 109 9.66 6.17 -29.74
N VAL B 110 9.90 5.99 -28.45
CA VAL B 110 11.17 6.46 -27.83
C VAL B 110 11.88 5.30 -27.14
N LYS B 111 13.13 5.02 -27.53
CA LYS B 111 13.93 3.98 -26.84
C LYS B 111 14.67 4.65 -25.70
N ALA B 112 14.39 4.22 -24.47
CA ALA B 112 15.01 4.88 -23.30
C ALA B 112 14.88 4.01 -22.05
N ASP B 113 15.83 4.15 -21.14
CA ASP B 113 15.81 3.44 -19.84
C ASP B 113 15.12 4.36 -18.84
N MET B 114 14.01 3.91 -18.23
CA MET B 114 13.23 4.80 -17.34
C MET B 114 13.91 4.96 -15.98
N THR B 115 15.00 4.24 -15.73
CA THR B 115 15.78 4.47 -14.50
C THR B 115 16.48 5.83 -14.60
N LYS B 116 16.60 6.35 -15.81
CA LYS B 116 17.25 7.68 -16.02
C LYS B 116 16.20 8.76 -16.31
N PRO B 117 16.56 10.05 -16.17
CA PRO B 117 15.64 11.13 -16.51
C PRO B 117 14.91 10.91 -17.83
N LEU B 118 13.63 11.20 -17.83
CA LEU B 118 12.79 10.99 -19.03
C LEU B 118 13.07 12.12 -20.02
N PRO B 119 13.17 11.80 -21.33
CA PRO B 119 13.53 12.81 -22.34
C PRO B 119 12.36 13.64 -22.87
N PHE B 120 11.63 14.28 -21.97
CA PHE B 120 10.49 15.11 -22.34
C PHE B 120 10.54 16.41 -21.56
N GLU B 121 9.86 17.43 -22.05
CA GLU B 121 9.84 18.73 -21.36
C GLU B 121 8.83 18.69 -20.22
N ASP B 122 8.93 19.68 -19.33
CA ASP B 122 7.96 19.79 -18.22
C ASP B 122 6.56 20.01 -18.78
N GLU B 123 5.55 19.51 -18.08
CA GLU B 123 4.14 19.76 -18.49
C GLU B 123 3.94 19.43 -19.97
N SER B 124 4.34 18.22 -20.40
CA SER B 124 4.21 17.79 -21.82
C SER B 124 3.06 16.82 -21.99
N PHE B 125 2.62 16.18 -20.91
CA PHE B 125 1.60 15.12 -21.05
C PHE B 125 0.37 15.36 -20.20
N ASP B 126 -0.77 14.88 -20.66
CA ASP B 126 -2.01 14.95 -19.86
C ASP B 126 -2.15 13.69 -18.99
N ILE B 127 -1.60 12.56 -19.45
CA ILE B 127 -1.80 11.30 -18.74
C ILE B 127 -0.58 10.41 -19.00
N ILE B 128 -0.17 9.66 -17.96
CA ILE B 128 0.89 8.66 -18.07
C ILE B 128 0.30 7.31 -17.68
N PHE B 129 0.51 6.30 -18.54
CA PHE B 129 0.00 4.95 -18.33
C PHE B 129 1.22 4.07 -18.10
N HIS B 130 1.34 3.54 -16.87
CA HIS B 130 2.57 2.87 -16.42
C HIS B 130 2.20 1.50 -15.89
N PRO B 131 2.12 0.47 -16.75
CA PRO B 131 1.74 -0.86 -16.28
C PRO B 131 2.92 -1.51 -15.56
N VAL B 132 2.68 -2.72 -15.03
CA VAL B 132 3.72 -3.43 -14.27
C VAL B 132 5.02 -3.46 -15.06
N SER B 133 6.08 -2.92 -14.47
CA SER B 133 7.35 -2.75 -15.18
C SER B 133 8.48 -2.29 -14.28
N ASN B 134 8.17 -1.59 -13.17
CA ASN B 134 9.27 -1.11 -12.36
C ASN B 134 9.90 -2.20 -11.48
N CYS B 135 9.36 -3.42 -11.52
CA CYS B 135 10.07 -4.58 -11.00
C CYS B 135 11.40 -4.82 -11.68
N TYR B 136 11.64 -4.20 -12.85
CA TYR B 136 12.93 -4.36 -13.53
C TYR B 136 13.93 -3.26 -13.20
N ILE B 137 13.60 -2.33 -12.31
CA ILE B 137 14.55 -1.29 -11.94
C ILE B 137 14.72 -1.22 -10.43
N GLU B 138 15.92 -0.83 -10.01
CA GLU B 138 16.25 -0.88 -8.57
C GLU B 138 15.56 0.22 -7.78
N ASN B 139 15.58 1.46 -8.27
CA ASN B 139 15.08 2.62 -7.55
C ASN B 139 13.94 3.24 -8.33
N VAL B 140 12.77 3.37 -7.69
CA VAL B 140 11.58 3.88 -8.36
C VAL B 140 11.25 5.33 -7.98
N GLU B 141 11.84 5.87 -6.90
CA GLU B 141 11.48 7.21 -6.45
C GLU B 141 11.81 8.26 -7.50
N LEU B 142 12.94 8.11 -8.19
CA LEU B 142 13.31 9.06 -9.23
C LEU B 142 12.34 9.00 -10.42
N VAL B 143 11.85 7.82 -10.77
CA VAL B 143 10.89 7.71 -11.87
C VAL B 143 9.61 8.46 -11.55
N PHE B 144 9.14 8.36 -10.31
CA PHE B 144 7.90 9.06 -9.96
C PHE B 144 8.09 10.57 -9.97
N LYS B 145 9.27 11.06 -9.56
CA LYS B 145 9.51 12.49 -9.62
C LYS B 145 9.52 12.97 -11.07
N GLU B 146 10.02 12.14 -11.98
CA GLU B 146 10.03 12.52 -13.39
C GLU B 146 8.63 12.50 -13.96
N CYS B 147 7.80 11.53 -13.58
CA CYS B 147 6.39 11.53 -13.98
C CYS B 147 5.70 12.82 -13.55
N TYR B 148 5.98 13.27 -12.32
CA TYR B 148 5.38 14.52 -11.84
C TYR B 148 5.86 15.72 -12.67
N ARG B 149 7.15 15.73 -13.01
CA ARG B 149 7.69 16.87 -13.76
C ARG B 149 7.05 16.99 -15.14
N ILE B 150 6.87 15.86 -15.84
CA ILE B 150 6.42 15.89 -17.24
C ILE B 150 4.91 15.97 -17.38
N LEU B 151 4.15 15.79 -16.31
CA LEU B 151 2.72 15.94 -16.39
C LEU B 151 2.36 17.42 -16.26
N LYS B 152 1.30 17.81 -16.97
CA LYS B 152 0.73 19.13 -16.77
C LYS B 152 -0.04 19.17 -15.45
N LYS B 153 -0.41 20.37 -15.02
CA LYS B 153 -1.23 20.52 -13.84
C LYS B 153 -2.58 19.84 -14.06
N GLY B 154 -2.98 19.00 -13.11
CA GLY B 154 -4.16 18.20 -13.27
C GLY B 154 -3.96 16.90 -14.03
N GLY B 155 -2.74 16.59 -14.42
CA GLY B 155 -2.47 15.38 -15.18
C GLY B 155 -2.67 14.12 -14.33
N ILE B 156 -2.79 12.99 -15.02
CA ILE B 156 -3.18 11.72 -14.41
C ILE B 156 -2.05 10.72 -14.56
N LEU B 157 -1.69 10.03 -13.48
CA LEU B 157 -0.75 8.92 -13.53
C LEU B 157 -1.49 7.65 -13.10
N LEU B 158 -1.46 6.63 -13.96
CA LEU B 158 -2.07 5.33 -13.69
C LEU B 158 -0.95 4.29 -13.68
N CYS B 159 -0.92 3.48 -12.60
CA CYS B 159 0.19 2.54 -12.40
C CYS B 159 -0.31 1.14 -12.09
N GLY B 160 0.42 0.15 -12.60
CA GLY B 160 0.40 -1.20 -12.07
C GLY B 160 1.73 -1.48 -11.37
N LEU B 161 1.64 -1.97 -10.13
CA LEU B 161 2.79 -2.02 -9.23
C LEU B 161 2.93 -3.37 -8.56
N SER B 162 4.12 -3.96 -8.69
CA SER B 162 4.50 -5.19 -7.99
C SER B 162 4.82 -4.89 -6.53
N THR B 163 4.85 -5.95 -5.72
CA THR B 163 5.07 -5.82 -4.29
C THR B 163 6.22 -6.72 -3.84
N GLU B 164 6.09 -7.31 -2.63
CA GLU B 164 7.12 -8.24 -2.17
C GLU B 164 6.71 -9.70 -2.27
N ILE B 165 5.41 -10.01 -2.23
CA ILE B 165 4.96 -11.39 -2.04
C ILE B 165 5.52 -12.32 -3.09
N ASN B 166 5.43 -11.93 -4.37
CA ASN B 166 5.93 -12.79 -5.45
C ASN B 166 7.41 -13.07 -5.34
N TYR B 167 8.16 -12.28 -4.58
CA TYR B 167 9.60 -12.47 -4.42
C TYR B 167 9.96 -13.17 -3.11
N LEU B 168 8.96 -13.52 -2.28
CA LEU B 168 9.22 -14.26 -1.06
C LEU B 168 9.39 -15.75 -1.31
N VAL B 169 8.78 -16.24 -2.37
CA VAL B 169 8.63 -17.68 -2.61
C VAL B 169 9.58 -18.10 -3.75
N ASP B 170 9.73 -19.41 -3.90
CA ASP B 170 10.40 -19.96 -5.08
C ASP B 170 9.35 -20.47 -6.05
N GLU B 171 9.74 -21.34 -6.99
CA GLU B 171 8.78 -21.78 -8.00
C GLU B 171 7.63 -22.61 -7.42
N ASN B 172 7.79 -23.16 -6.22
CA ASN B 172 6.70 -23.90 -5.59
C ASN B 172 5.58 -22.99 -5.10
N GLU B 173 5.83 -21.67 -4.99
CA GLU B 173 4.82 -20.72 -4.51
C GLU B 173 4.21 -21.14 -3.17
N GLU B 174 5.05 -21.67 -2.28
CA GLU B 174 4.54 -22.14 -1.00
C GLU B 174 5.43 -21.71 0.15
N LYS B 175 6.61 -22.30 0.28
CA LYS B 175 7.51 -21.91 1.37
C LYS B 175 8.08 -20.52 1.12
N ILE B 176 8.04 -19.67 2.15
CA ILE B 176 8.67 -18.36 2.11
C ILE B 176 10.16 -18.57 2.37
N VAL B 177 11.00 -18.28 1.37
CA VAL B 177 12.42 -18.63 1.43
C VAL B 177 13.36 -17.46 1.26
N PHE B 178 12.91 -16.30 0.77
CA PHE B 178 13.83 -15.21 0.48
C PHE B 178 13.63 -14.07 1.47
N SER B 179 14.71 -13.51 1.94
CA SER B 179 14.74 -12.37 2.83
C SER B 179 14.75 -11.09 1.99
N MET B 180 14.03 -10.09 2.44
CA MET B 180 13.87 -8.85 1.72
C MET B 180 14.80 -7.75 2.11
N PRO B 181 15.11 -6.75 1.20
CA PRO B 181 14.56 -6.83 -0.16
C PRO B 181 15.20 -7.85 -1.11
N PHE B 182 14.44 -8.30 -2.11
CA PHE B 182 14.94 -9.18 -3.14
C PHE B 182 15.72 -8.26 -4.08
N ASN B 183 17.03 -8.44 -4.10
CA ASN B 183 17.90 -7.54 -4.87
C ASN B 183 19.06 -8.34 -5.45
N PRO B 184 19.00 -8.69 -6.73
CA PRO B 184 20.07 -9.51 -7.32
C PRO B 184 21.34 -8.74 -7.63
N LEU B 185 21.31 -7.41 -7.57
CA LEU B 185 22.55 -6.65 -7.66
C LEU B 185 23.39 -6.85 -6.41
N LYS B 186 22.73 -6.96 -5.25
CA LYS B 186 23.42 -7.00 -3.96
C LYS B 186 23.55 -8.39 -3.37
N ASN B 187 22.62 -9.30 -3.63
CA ASN B 187 22.57 -10.59 -2.97
C ASN B 187 22.82 -11.71 -3.98
N LYS B 188 23.89 -12.47 -3.75
CA LYS B 188 24.23 -13.58 -4.65
C LYS B 188 23.10 -14.59 -4.74
N GLU B 189 22.39 -14.83 -3.63
CA GLU B 189 21.33 -15.83 -3.64
C GLU B 189 20.16 -15.41 -4.53
N HIS B 190 19.88 -14.11 -4.59
CA HIS B 190 18.77 -13.64 -5.41
C HIS B 190 19.13 -13.67 -6.88
N ARG B 191 20.34 -13.22 -7.21
CA ARG B 191 20.81 -13.32 -8.59
C ARG B 191 20.82 -14.78 -9.03
N GLU B 192 21.24 -15.68 -8.14
CA GLU B 192 21.32 -17.09 -8.53
C GLU B 192 19.95 -17.69 -8.82
N PHE B 193 18.93 -17.29 -8.03
CA PHE B 193 17.59 -17.83 -8.25
C PHE B 193 17.04 -17.42 -9.60
N LEU B 194 17.24 -16.16 -9.99
CA LEU B 194 16.77 -15.71 -11.29
C LEU B 194 17.49 -16.41 -12.41
N GLU B 195 18.76 -16.79 -12.19
CA GLU B 195 19.53 -17.45 -13.24
C GLU B 195 18.97 -18.82 -13.59
N LYS B 196 18.32 -19.49 -12.64
CA LYS B 196 17.72 -20.79 -12.92
C LYS B 196 16.55 -20.67 -13.89
N PHE B 197 15.98 -19.48 -14.05
CA PHE B 197 14.79 -19.29 -14.87
C PHE B 197 14.95 -18.17 -15.90
N ASP B 198 16.18 -17.75 -16.18
CA ASP B 198 16.46 -16.66 -17.13
C ASP B 198 15.68 -15.40 -16.80
N GLY B 199 15.53 -15.11 -15.50
CA GLY B 199 14.73 -13.99 -15.04
C GLY B 199 15.40 -12.63 -15.10
N GLY B 200 16.67 -12.55 -15.47
CA GLY B 200 17.33 -11.25 -15.53
C GLY B 200 17.54 -10.64 -14.16
N TYR B 201 17.26 -9.35 -14.04
CA TYR B 201 17.37 -8.63 -12.77
C TYR B 201 16.02 -8.03 -12.43
N GLN B 202 15.37 -8.60 -11.41
CA GLN B 202 14.08 -8.13 -10.93
C GLN B 202 14.22 -7.81 -9.46
N PHE B 203 13.41 -6.88 -8.98
CA PHE B 203 13.55 -6.29 -7.67
C PHE B 203 12.20 -6.26 -6.97
N SER B 204 12.17 -6.66 -5.70
CA SER B 204 10.96 -6.39 -4.92
C SER B 204 10.91 -4.91 -4.58
N HIS B 205 9.72 -4.42 -4.30
CA HIS B 205 9.56 -3.04 -3.86
C HIS B 205 8.50 -2.99 -2.78
N THR B 206 8.71 -2.11 -1.81
CA THR B 206 7.81 -1.94 -0.67
C THR B 206 6.73 -0.90 -0.98
N LEU B 207 5.79 -0.75 -0.04
CA LEU B 207 4.78 0.27 -0.20
C LEU B 207 5.36 1.69 -0.06
N SER B 208 6.41 1.86 0.77
CA SER B 208 7.08 3.15 0.86
C SER B 208 7.60 3.58 -0.51
N GLU B 209 8.09 2.60 -1.29
CA GLU B 209 8.55 2.87 -2.65
C GLU B 209 7.40 3.08 -3.63
N GLN B 210 6.50 2.10 -3.73
CA GLN B 210 5.52 2.09 -4.82
C GLN B 210 4.42 3.11 -4.62
N LEU B 211 4.01 3.37 -3.38
CA LEU B 211 2.99 4.36 -3.05
C LEU B 211 3.59 5.61 -2.43
N GLY B 212 4.48 5.44 -1.44
CA GLY B 212 5.13 6.60 -0.84
C GLY B 212 5.97 7.38 -1.83
N GLY B 213 6.54 6.69 -2.83
CA GLY B 213 7.29 7.38 -3.87
C GLY B 213 6.44 8.32 -4.69
N GLN B 214 5.17 7.97 -4.92
CA GLN B 214 4.27 8.89 -5.61
C GLN B 214 3.95 10.09 -4.73
N LEU B 215 3.73 9.85 -3.43
CA LEU B 215 3.41 10.95 -2.53
C LEU B 215 4.58 11.92 -2.42
N LYS B 216 5.80 11.39 -2.29
CA LYS B 216 6.99 12.22 -2.15
C LYS B 216 7.20 13.11 -3.36
N ALA B 217 6.77 12.65 -4.54
CA ALA B 217 6.85 13.45 -5.76
C ALA B 217 5.81 14.56 -5.81
N GLY B 218 4.75 14.48 -5.01
CA GLY B 218 3.71 15.50 -4.99
C GLY B 218 2.34 15.02 -5.41
N PHE B 219 2.19 13.76 -5.82
CA PHE B 219 0.91 13.28 -6.33
C PHE B 219 -0.13 13.14 -5.24
N ILE B 220 -1.39 13.32 -5.64
CA ILE B 220 -2.55 13.02 -4.82
C ILE B 220 -3.07 11.66 -5.27
N LEU B 221 -2.96 10.65 -4.41
CA LEU B 221 -3.53 9.35 -4.74
C LEU B 221 -5.05 9.41 -4.66
N THR B 222 -5.73 8.96 -5.72
CA THR B 222 -7.19 8.98 -5.75
C THR B 222 -7.85 7.60 -5.69
N ASN B 223 -7.17 6.55 -6.16
CA ASN B 223 -7.72 5.20 -6.16
C ASN B 223 -6.59 4.22 -5.91
N ILE B 224 -6.84 3.22 -5.05
CA ILE B 224 -5.89 2.17 -4.76
C ILE B 224 -6.67 0.85 -4.72
N GLU B 225 -6.33 -0.08 -5.63
CA GLU B 225 -6.99 -1.37 -5.71
C GLU B 225 -5.95 -2.48 -5.78
N ASP B 226 -6.37 -3.71 -5.49
CA ASP B 226 -5.50 -4.89 -5.50
C ASP B 226 -5.78 -5.74 -6.73
N ASP B 227 -4.80 -6.57 -7.10
CA ASP B 227 -5.02 -7.60 -8.12
C ASP B 227 -4.15 -8.80 -7.78
N THR B 228 -4.45 -9.94 -8.44
CA THR B 228 -3.70 -11.19 -8.29
C THR B 228 -2.86 -11.49 -9.53
N ASN B 229 -2.23 -12.66 -9.55
CA ASN B 229 -1.24 -12.99 -10.58
C ASN B 229 -1.85 -13.47 -11.88
N GLY B 230 -3.10 -13.91 -11.87
CA GLY B 230 -3.75 -14.42 -13.06
C GLY B 230 -3.55 -15.89 -13.33
N VAL B 231 -2.47 -16.47 -12.80
CA VAL B 231 -2.19 -17.89 -12.99
C VAL B 231 -1.25 -18.30 -11.88
N GLY B 232 -1.36 -19.56 -11.46
CA GLY B 232 -0.46 -20.12 -10.47
C GLY B 232 -1.12 -20.21 -9.10
N ARG B 233 -0.33 -20.76 -8.16
CA ARG B 233 -0.87 -21.13 -6.85
C ARG B 233 -1.36 -19.92 -6.05
N LEU B 234 -0.57 -18.85 -6.02
CA LEU B 234 -0.99 -17.67 -5.26
C LEU B 234 -2.24 -17.03 -5.87
N HIS B 235 -2.37 -17.09 -7.19
CA HIS B 235 -3.59 -16.62 -7.83
C HIS B 235 -4.78 -17.49 -7.43
N GLU B 236 -4.61 -18.83 -7.43
CA GLU B 236 -5.73 -19.69 -7.04
C GLU B 236 -6.15 -19.50 -5.59
N MET B 237 -5.21 -19.11 -4.74
CA MET B 237 -5.49 -18.78 -3.36
C MET B 237 -5.98 -17.33 -3.15
N ASN B 238 -6.23 -16.59 -4.24
CA ASN B 238 -6.80 -15.23 -4.14
C ASN B 238 -5.93 -14.28 -3.33
N ILE B 239 -4.62 -14.46 -3.41
CA ILE B 239 -3.69 -13.62 -2.66
C ILE B 239 -3.33 -12.41 -3.51
N SER B 240 -3.45 -11.21 -2.92
CA SER B 240 -3.22 -9.97 -3.65
C SER B 240 -1.71 -9.69 -3.76
N THR B 241 -1.21 -9.60 -5.00
CA THR B 241 0.20 -9.47 -5.31
C THR B 241 0.53 -8.24 -6.15
N TYR B 242 -0.46 -7.45 -6.54
CA TYR B 242 -0.25 -6.25 -7.32
C TYR B 242 -1.13 -5.13 -6.82
N ILE B 243 -0.73 -3.90 -7.14
CA ILE B 243 -1.50 -2.68 -6.85
C ILE B 243 -1.84 -2.01 -8.17
N MET B 244 -3.08 -1.50 -8.27
CA MET B 244 -3.51 -0.60 -9.34
C MET B 244 -3.78 0.76 -8.73
N THR B 245 -3.16 1.81 -9.26
CA THR B 245 -3.30 3.14 -8.67
C THR B 245 -3.63 4.21 -9.71
N ARG B 246 -4.41 5.19 -9.26
CA ARG B 246 -4.61 6.43 -9.98
C ARG B 246 -4.17 7.58 -9.09
N ALA B 247 -3.43 8.51 -9.65
CA ALA B 247 -2.98 9.70 -8.93
C ALA B 247 -3.09 10.90 -9.85
N VAL B 248 -3.23 12.09 -9.25
CA VAL B 248 -3.36 13.33 -10.02
C VAL B 248 -2.33 14.34 -9.52
N LYS B 249 -1.79 15.12 -10.43
CA LYS B 249 -0.88 16.19 -10.07
C LYS B 249 -1.68 17.47 -9.81
#